data_1S3J
#
_entry.id   1S3J
#
_cell.length_a   45.029
_cell.length_b   71.912
_cell.length_c   96.642
_cell.angle_alpha   90.00
_cell.angle_beta   90.00
_cell.angle_gamma   90.00
#
_symmetry.space_group_name_H-M   'P 21 21 21'
#
loop_
_entity.id
_entity.type
_entity.pdbx_description
1 polymer 'YusO protein'
2 water water
#
_entity_poly.entity_id   1
_entity_poly.type   'polypeptide(L)'
_entity_poly.pdbx_seq_one_letter_code
;(MSE)KSADQL(MSE)SDIQLSLQALFQKIQPE(MSE)LES(MSE)EKQGVTPAQLFVLASLKKHGSLKVSEIAER
(MSE)EVKPSAVTL(MSE)ADRLEQKNLIARTHNTKDRRVIDLSLTDEGDIKFEEVLAGRKAI(MSE)ARYLSFLTEEE
(MSE)LQAAHITAKLAQAAETDEKQN(MSE)KRGNG
;
_entity_poly.pdbx_strand_id   A,B
#
# COMPACT_ATOMS: atom_id res chain seq x y z
N SER A 3 10.66 13.47 21.41
CA SER A 3 11.72 13.50 20.37
C SER A 3 11.19 12.94 19.04
N ALA A 4 10.63 13.84 18.23
CA ALA A 4 9.87 13.47 17.03
C ALA A 4 10.53 12.42 16.12
N ASP A 5 11.85 12.43 16.00
CA ASP A 5 12.50 11.54 15.04
C ASP A 5 12.55 10.08 15.52
N GLN A 6 12.83 9.86 16.79
CA GLN A 6 12.70 8.51 17.33
C GLN A 6 11.24 8.05 17.23
N LEU A 7 10.31 8.96 17.53
CA LEU A 7 8.87 8.65 17.50
C LEU A 7 8.40 8.23 16.10
N SER A 9 10.44 6.86 13.87
CA SER A 9 11.11 5.59 13.58
C SER A 9 10.39 4.41 14.26
N ASP A 10 9.88 4.65 15.47
CA ASP A 10 9.10 3.66 16.21
C ASP A 10 7.83 3.33 15.40
N ILE A 11 7.10 4.36 15.01
CA ILE A 11 5.86 4.19 14.27
C ILE A 11 6.07 3.52 12.94
N GLN A 12 7.09 3.98 12.21
CA GLN A 12 7.40 3.43 10.91
C GLN A 12 7.64 1.93 11.07
N LEU A 13 8.43 1.55 12.07
CA LEU A 13 8.70 0.15 12.27
C LEU A 13 7.42 -0.61 12.60
N SER A 14 6.57 0.00 13.43
CA SER A 14 5.29 -0.63 13.77
C SER A 14 4.41 -0.79 12.52
N LEU A 15 4.20 0.31 11.79
CA LEU A 15 3.36 0.26 10.60
C LEU A 15 3.91 -0.70 9.55
N GLN A 16 5.23 -0.76 9.40
CA GLN A 16 5.85 -1.61 8.38
C GLN A 16 5.68 -3.08 8.74
N ALA A 17 5.70 -3.40 10.03
CA ALA A 17 5.48 -4.77 10.43
C ALA A 17 4.01 -5.13 10.26
N LEU A 18 3.10 -4.20 10.55
CA LEU A 18 1.67 -4.50 10.43
C LEU A 18 1.32 -4.73 8.97
N PHE A 19 1.86 -3.89 8.10
CA PHE A 19 1.62 -3.94 6.67
C PHE A 19 2.12 -5.25 6.06
N GLN A 20 3.40 -5.54 6.19
CA GLN A 20 3.94 -6.82 5.73
C GLN A 20 3.15 -8.03 6.19
N LYS A 21 2.52 -7.93 7.35
CA LYS A 21 1.71 -9.01 7.93
C LYS A 21 0.26 -9.01 7.44
N ILE A 22 -0.29 -7.83 7.16
CA ILE A 22 -1.72 -7.70 6.87
C ILE A 22 -1.96 -7.64 5.37
N GLN A 23 -1.06 -7.02 4.64
CA GLN A 23 -1.20 -6.89 3.19
C GLN A 23 -1.33 -8.25 2.48
N PRO A 24 -0.39 -9.18 2.68
CA PRO A 24 -0.52 -10.51 2.06
C PRO A 24 -1.86 -11.18 2.41
N GLU A 25 -2.33 -11.03 3.65
CA GLU A 25 -3.58 -11.64 4.07
C GLU A 25 -4.77 -11.05 3.31
N LEU A 27 -4.56 -9.43 0.29
CA LEU A 27 -4.40 -9.87 -1.11
C LEU A 27 -4.83 -11.31 -1.35
N GLU A 28 -4.55 -12.21 -0.42
CA GLU A 28 -4.87 -13.62 -0.60
C GLU A 28 -6.39 -13.82 -0.53
N SER A 29 -7.03 -13.09 0.38
CA SER A 29 -8.49 -13.15 0.55
C SER A 29 -9.24 -12.61 -0.66
N GLU A 31 -7.98 -12.53 -3.87
CA GLU A 31 -7.69 -13.42 -5.00
C GLU A 31 -8.67 -14.59 -5.00
N LYS A 32 -8.99 -15.10 -3.82
CA LYS A 32 -9.95 -16.21 -3.66
C LYS A 32 -11.38 -15.78 -4.00
N GLN A 33 -11.74 -14.53 -3.70
CA GLN A 33 -13.04 -13.99 -4.11
C GLN A 33 -13.01 -13.51 -5.58
N GLY A 34 -11.86 -13.59 -6.24
CA GLY A 34 -11.74 -13.34 -7.66
C GLY A 34 -11.57 -11.89 -8.10
N VAL A 35 -11.50 -10.96 -7.15
CA VAL A 35 -11.43 -9.53 -7.45
C VAL A 35 -10.06 -8.95 -7.12
N THR A 36 -9.65 -7.95 -7.89
CA THR A 36 -8.40 -7.23 -7.66
C THR A 36 -8.69 -5.96 -6.85
N PRO A 37 -7.65 -5.32 -6.35
CA PRO A 37 -7.79 -4.02 -5.70
C PRO A 37 -8.52 -2.98 -6.55
N ALA A 38 -8.28 -2.93 -7.86
CA ALA A 38 -8.90 -1.90 -8.69
C ALA A 38 -10.39 -2.21 -8.86
N GLN A 39 -10.71 -3.49 -9.05
CA GLN A 39 -12.09 -3.91 -9.14
C GLN A 39 -12.81 -3.64 -7.81
N LEU A 40 -12.11 -3.84 -6.70
CA LEU A 40 -12.68 -3.62 -5.36
C LEU A 40 -12.98 -2.14 -5.21
N PHE A 41 -12.07 -1.30 -5.70
CA PHE A 41 -12.28 0.13 -5.65
C PHE A 41 -13.53 0.55 -6.44
N VAL A 42 -13.79 -0.09 -7.57
CA VAL A 42 -14.93 0.24 -8.40
C VAL A 42 -16.22 -0.18 -7.68
N LEU A 43 -16.20 -1.38 -7.14
CA LEU A 43 -17.34 -1.90 -6.43
C LEU A 43 -17.72 -1.02 -5.25
N ALA A 44 -16.74 -0.51 -4.52
CA ALA A 44 -16.96 0.34 -3.35
C ALA A 44 -17.48 1.73 -3.71
N SER A 45 -16.90 2.34 -4.74
CA SER A 45 -17.44 3.57 -5.34
C SER A 45 -18.89 3.44 -5.80
N LEU A 46 -19.29 2.25 -6.27
CA LEU A 46 -20.65 2.05 -6.75
C LEU A 46 -21.64 1.75 -5.60
N LYS A 47 -21.19 1.06 -4.55
CA LYS A 47 -22.03 0.88 -3.36
C LYS A 47 -22.32 2.25 -2.70
N LYS A 48 -21.31 3.09 -2.62
CA LYS A 48 -21.45 4.41 -2.02
C LYS A 48 -22.32 5.36 -2.85
N HIS A 49 -22.00 5.51 -4.13
CA HIS A 49 -22.66 6.52 -4.96
C HIS A 49 -23.86 6.02 -5.76
N GLY A 50 -24.15 4.73 -5.71
CA GLY A 50 -25.21 4.13 -6.50
C GLY A 50 -24.89 3.94 -7.99
N SER A 51 -24.69 5.07 -8.67
CA SER A 51 -24.30 5.08 -10.06
C SER A 51 -23.18 6.09 -10.28
N LEU A 52 -22.25 5.76 -11.18
CA LEU A 52 -21.23 6.71 -11.61
C LEU A 52 -20.95 6.57 -13.09
N LYS A 53 -20.62 7.69 -13.74
CA LYS A 53 -20.14 7.66 -15.11
C LYS A 53 -18.77 6.97 -15.15
N VAL A 54 -18.42 6.40 -16.30
CA VAL A 54 -17.09 5.83 -16.49
C VAL A 54 -16.03 6.91 -16.30
N SER A 55 -16.30 8.11 -16.80
CA SER A 55 -15.37 9.23 -16.68
C SER A 55 -15.17 9.70 -15.23
N GLU A 56 -16.17 9.47 -14.38
CA GLU A 56 -16.09 9.85 -12.98
C GLU A 56 -15.15 8.90 -12.24
N ILE A 57 -15.33 7.61 -12.45
CA ILE A 57 -14.44 6.60 -11.86
C ILE A 57 -13.01 6.81 -12.33
N ALA A 58 -12.83 7.04 -13.62
CA ALA A 58 -11.50 7.27 -14.18
C ALA A 58 -10.83 8.41 -13.43
N GLU A 59 -11.59 9.48 -13.19
CA GLU A 59 -11.13 10.68 -12.51
C GLU A 59 -10.66 10.38 -11.09
N ARG A 60 -11.51 9.71 -10.31
CA ARG A 60 -11.18 9.36 -8.91
C ARG A 60 -9.97 8.44 -8.82
N GLU A 62 -7.57 8.37 -11.16
CA GLU A 62 -6.52 9.00 -11.96
C GLU A 62 -5.92 8.02 -12.97
N VAL A 63 -6.82 7.45 -13.77
CA VAL A 63 -6.46 6.59 -14.89
C VAL A 63 -7.32 6.96 -16.10
N LYS A 64 -6.98 6.40 -17.26
CA LYS A 64 -7.68 6.74 -18.50
C LYS A 64 -9.07 6.09 -18.49
N PRO A 65 -10.05 6.75 -19.09
CA PRO A 65 -11.35 6.12 -19.28
C PRO A 65 -11.19 4.68 -19.76
N SER A 66 -10.27 4.44 -20.70
CA SER A 66 -10.05 3.08 -21.23
C SER A 66 -9.62 2.06 -20.17
N ALA A 67 -8.82 2.48 -19.19
CA ALA A 67 -8.50 1.62 -18.04
C ALA A 67 -9.76 1.17 -17.28
N VAL A 68 -10.69 2.10 -17.06
CA VAL A 68 -11.94 1.76 -16.36
C VAL A 68 -12.82 0.84 -17.20
N THR A 69 -12.86 1.08 -18.49
CA THR A 69 -13.66 0.28 -19.43
C THR A 69 -13.21 -1.17 -19.38
N LEU A 70 -11.91 -1.41 -19.23
CA LEU A 70 -11.43 -2.78 -19.08
C LEU A 70 -11.81 -3.38 -17.70
N ALA A 72 -14.46 -2.56 -16.02
CA ALA A 72 -15.89 -2.77 -16.22
C ALA A 72 -16.15 -4.05 -17.01
N ASP A 73 -15.36 -4.32 -18.06
CA ASP A 73 -15.51 -5.56 -18.85
C ASP A 73 -15.39 -6.76 -17.94
N ARG A 74 -14.35 -6.77 -17.11
CA ARG A 74 -14.07 -7.91 -16.24
C ARG A 74 -15.21 -8.11 -15.26
N LEU A 75 -15.62 -7.04 -14.62
CA LEU A 75 -16.74 -7.07 -13.70
C LEU A 75 -18.07 -7.49 -14.39
N GLU A 76 -18.38 -6.95 -15.58
CA GLU A 76 -19.62 -7.30 -16.29
C GLU A 76 -19.64 -8.77 -16.70
N GLN A 77 -18.48 -9.27 -17.13
CA GLN A 77 -18.32 -10.68 -17.49
C GLN A 77 -18.61 -11.62 -16.32
N LYS A 78 -18.33 -11.14 -15.11
CA LYS A 78 -18.62 -11.86 -13.88
C LYS A 78 -19.99 -11.47 -13.33
N ASN A 79 -20.66 -10.56 -14.03
CA ASN A 79 -22.05 -10.14 -13.76
C ASN A 79 -22.18 -9.43 -12.41
N LEU A 80 -21.20 -8.60 -12.11
CA LEU A 80 -21.14 -7.91 -10.83
C LEU A 80 -21.52 -6.45 -10.98
N ILE A 81 -21.45 -5.97 -12.21
CA ILE A 81 -21.93 -4.65 -12.56
C ILE A 81 -22.74 -4.71 -13.85
N ALA A 82 -23.50 -3.65 -14.11
CA ALA A 82 -24.19 -3.45 -15.37
C ALA A 82 -23.82 -2.09 -15.92
N ARG A 83 -23.74 -2.00 -17.23
CA ARG A 83 -23.61 -0.72 -17.90
C ARG A 83 -24.95 -0.31 -18.46
N THR A 84 -25.25 0.98 -18.37
CA THR A 84 -26.46 1.58 -18.94
C THR A 84 -26.11 2.94 -19.56
N HIS A 85 -26.95 3.42 -20.48
CA HIS A 85 -26.77 4.74 -21.04
C HIS A 85 -27.22 5.76 -20.02
N ASN A 86 -26.50 6.88 -20.00
CA ASN A 86 -26.77 7.99 -19.14
C ASN A 86 -28.01 8.69 -19.67
N THR A 87 -28.87 9.15 -18.76
CA THR A 87 -30.16 9.71 -19.18
C THR A 87 -30.01 11.12 -19.77
N LYS A 88 -29.00 11.86 -19.31
CA LYS A 88 -28.70 13.18 -19.87
C LYS A 88 -28.05 13.11 -21.27
N ASP A 89 -27.15 12.15 -21.47
CA ASP A 89 -26.39 12.00 -22.72
C ASP A 89 -26.27 10.51 -23.00
N ARG A 90 -26.97 10.05 -24.01
CA ARG A 90 -27.08 8.60 -24.26
C ARG A 90 -25.73 7.98 -24.58
N ARG A 91 -24.79 8.79 -25.03
CA ARG A 91 -23.47 8.30 -25.42
C ARG A 91 -22.59 7.94 -24.23
N VAL A 92 -22.82 8.54 -23.06
CA VAL A 92 -21.97 8.27 -21.91
C VAL A 92 -22.53 7.11 -21.09
N ILE A 93 -21.61 6.31 -20.54
CA ILE A 93 -21.95 5.04 -19.90
C ILE A 93 -21.98 5.22 -18.38
N ASP A 94 -23.08 4.84 -17.74
CA ASP A 94 -23.14 4.70 -16.28
C ASP A 94 -22.85 3.28 -15.87
N LEU A 95 -22.12 3.12 -14.77
CA LEU A 95 -21.99 1.83 -14.09
C LEU A 95 -22.87 1.77 -12.84
N SER A 96 -23.29 0.55 -12.50
CA SER A 96 -23.96 0.30 -11.24
C SER A 96 -23.76 -1.14 -10.78
N LEU A 97 -24.01 -1.41 -9.51
CA LEU A 97 -23.90 -2.80 -9.01
C LEU A 97 -25.09 -3.63 -9.43
N THR A 98 -24.85 -4.90 -9.77
CA THR A 98 -25.91 -5.89 -9.82
C THR A 98 -26.13 -6.40 -8.38
N ASP A 99 -27.15 -7.25 -8.21
CA ASP A 99 -27.42 -7.93 -6.94
C ASP A 99 -26.19 -8.74 -6.58
N GLU A 100 -25.63 -9.45 -7.57
CA GLU A 100 -24.52 -10.38 -7.33
C GLU A 100 -23.25 -9.63 -6.97
N GLY A 101 -23.11 -8.42 -7.49
CA GLY A 101 -21.97 -7.57 -7.23
C GLY A 101 -22.00 -6.96 -5.85
N ASP A 102 -23.21 -6.57 -5.40
CA ASP A 102 -23.42 -6.11 -4.03
C ASP A 102 -23.01 -7.19 -3.05
N ILE A 103 -23.45 -8.41 -3.31
CA ILE A 103 -23.12 -9.55 -2.49
C ILE A 103 -21.61 -9.83 -2.49
N LYS A 104 -20.97 -9.65 -3.65
CA LYS A 104 -19.54 -9.92 -3.77
C LYS A 104 -18.72 -8.84 -3.05
N PHE A 105 -19.18 -7.59 -3.14
CA PHE A 105 -18.51 -6.49 -2.44
C PHE A 105 -18.59 -6.68 -0.93
N GLU A 106 -19.68 -7.32 -0.48
CA GLU A 106 -19.94 -7.50 0.94
C GLU A 106 -19.10 -8.65 1.51
N GLU A 107 -18.98 -9.70 0.71
CA GLU A 107 -18.15 -10.86 1.06
C GLU A 107 -16.67 -10.49 1.15
N VAL A 108 -16.21 -9.67 0.22
CA VAL A 108 -14.83 -9.19 0.22
C VAL A 108 -14.60 -8.29 1.46
N LEU A 109 -15.52 -7.38 1.73
CA LEU A 109 -15.37 -6.42 2.83
C LEU A 109 -15.39 -7.14 4.21
N ALA A 110 -16.30 -8.10 4.36
CA ALA A 110 -16.39 -8.87 5.59
C ALA A 110 -15.11 -9.66 5.81
N GLY A 111 -14.57 -10.24 4.74
CA GLY A 111 -13.26 -10.87 4.79
C GLY A 111 -12.17 -9.93 5.30
N ARG A 112 -12.14 -8.70 4.78
CA ARG A 112 -11.18 -7.68 5.22
C ARG A 112 -11.39 -7.27 6.67
N LYS A 113 -12.66 -7.18 7.07
CA LYS A 113 -13.00 -6.74 8.42
C LYS A 113 -12.53 -7.78 9.42
N ALA A 114 -12.82 -9.05 9.13
CA ALA A 114 -12.47 -10.15 9.99
C ALA A 114 -10.96 -10.25 10.19
N ILE A 115 -10.18 -10.00 9.15
CA ILE A 115 -8.72 -9.95 9.28
C ILE A 115 -8.26 -8.81 10.22
N ALA A 117 -9.94 -7.19 12.47
CA ALA A 117 -10.51 -7.35 13.81
C ALA A 117 -9.74 -8.38 14.64
N ARG A 118 -8.98 -9.26 14.01
CA ARG A 118 -8.11 -10.17 14.75
C ARG A 118 -6.98 -9.39 15.41
N TYR A 119 -6.49 -8.36 14.72
CA TYR A 119 -5.48 -7.49 15.28
C TYR A 119 -6.09 -6.54 16.28
N LEU A 120 -7.20 -5.90 15.92
CA LEU A 120 -7.80 -4.86 16.75
C LEU A 120 -8.32 -5.37 18.07
N SER A 121 -8.65 -6.66 18.14
CA SER A 121 -9.21 -7.23 19.35
C SER A 121 -8.22 -7.31 20.53
N PHE A 122 -6.92 -7.14 20.27
CA PHE A 122 -5.90 -7.03 21.30
C PHE A 122 -5.89 -5.66 21.96
N LEU A 123 -6.62 -4.69 21.41
CA LEU A 123 -6.76 -3.37 22.04
C LEU A 123 -7.73 -3.40 23.23
N THR A 124 -7.43 -2.65 24.27
CA THR A 124 -8.42 -2.39 25.31
C THR A 124 -9.50 -1.48 24.71
N GLU A 125 -10.60 -1.32 25.44
CA GLU A 125 -11.69 -0.45 25.03
C GLU A 125 -11.26 1.01 24.88
N GLU A 126 -10.45 1.49 25.79
CA GLU A 126 -9.89 2.82 25.72
C GLU A 126 -9.11 3.01 24.42
N GLU A 127 -8.30 2.01 24.08
CA GLU A 127 -7.41 2.09 22.91
C GLU A 127 -8.21 1.97 21.64
N LEU A 129 -11.29 3.09 21.20
CA LEU A 129 -11.96 4.38 21.02
C LEU A 129 -10.95 5.41 20.49
N GLN A 130 -9.75 5.42 21.06
CA GLN A 130 -8.66 6.26 20.57
C GLN A 130 -8.38 5.95 19.11
N ALA A 131 -8.32 4.65 18.74
CA ALA A 131 -7.98 4.29 17.35
C ALA A 131 -9.10 4.71 16.38
N ALA A 132 -10.34 4.59 16.80
CA ALA A 132 -11.47 5.05 15.98
C ALA A 132 -11.31 6.51 15.65
N HIS A 133 -11.05 7.30 16.69
CA HIS A 133 -10.94 8.76 16.58
C HIS A 133 -9.72 9.21 15.74
N ILE A 134 -8.54 8.65 16.00
CA ILE A 134 -7.33 8.99 15.26
C ILE A 134 -7.42 8.58 13.77
N THR A 135 -7.93 7.39 13.46
CA THR A 135 -8.01 6.99 12.07
C THR A 135 -9.05 7.81 11.29
N ALA A 136 -10.19 8.10 11.93
CA ALA A 136 -11.22 8.94 11.34
C ALA A 136 -10.69 10.35 11.10
N LYS A 137 -10.01 10.92 12.07
CA LYS A 137 -9.41 12.23 11.92
C LYS A 137 -8.32 12.27 10.83
N LEU A 138 -7.47 11.26 10.78
CA LEU A 138 -6.45 11.19 9.74
C LEU A 138 -7.11 11.06 8.36
N ALA A 139 -8.16 10.24 8.27
CA ALA A 139 -8.81 9.96 6.99
C ALA A 139 -9.54 11.22 6.48
N GLN A 140 -10.18 11.96 7.38
CA GLN A 140 -10.83 13.23 7.08
C GLN A 140 -9.81 14.27 6.56
N ALA A 141 -8.73 14.47 7.31
CA ALA A 141 -7.72 15.46 6.92
C ALA A 141 -7.08 15.12 5.57
N ALA A 142 -6.93 13.83 5.28
CA ALA A 142 -6.37 13.36 4.02
C ALA A 142 -7.32 13.53 2.84
N GLU A 143 -8.62 13.34 3.05
CA GLU A 143 -9.60 13.59 1.98
C GLU A 143 -9.64 15.06 1.55
N THR A 144 -9.27 15.98 2.46
CA THR A 144 -9.26 17.42 2.16
C THR A 144 -7.87 17.90 1.69
N ASP A 145 -7.70 17.97 0.37
CA ASP A 145 -6.39 18.23 -0.26
C ASP A 145 -6.53 19.20 -1.46
N LYS B 2 -21.49 3.35 19.88
CA LYS B 2 -21.12 2.35 18.84
C LYS B 2 -20.56 1.09 19.47
N SER B 3 -21.02 -0.06 19.00
CA SER B 3 -20.56 -1.34 19.51
C SER B 3 -19.10 -1.60 19.15
N ALA B 4 -18.52 -2.60 19.76
CA ALA B 4 -17.12 -2.93 19.53
C ALA B 4 -16.87 -3.34 18.07
N ASP B 5 -17.83 -4.05 17.49
CA ASP B 5 -17.69 -4.58 16.13
C ASP B 5 -17.94 -3.47 15.07
N GLN B 6 -18.84 -2.54 15.35
CA GLN B 6 -18.95 -1.33 14.54
C GLN B 6 -17.69 -0.44 14.60
N LEU B 7 -17.10 -0.26 15.79
CA LEU B 7 -15.87 0.54 15.89
C LEU B 7 -14.79 -0.04 14.98
N SER B 9 -15.28 -1.85 12.50
CA SER B 9 -15.75 -1.55 11.14
C SER B 9 -15.41 -0.13 10.68
N ASP B 10 -15.59 0.88 11.53
CA ASP B 10 -15.24 2.26 11.16
C ASP B 10 -13.72 2.40 10.99
N ILE B 11 -12.97 1.75 11.87
CA ILE B 11 -11.52 1.79 11.83
C ILE B 11 -11.04 1.22 10.51
N GLN B 12 -11.61 0.08 10.10
CA GLN B 12 -11.24 -0.58 8.85
C GLN B 12 -11.46 0.35 7.67
N LEU B 13 -12.58 1.04 7.67
CA LEU B 13 -12.92 1.90 6.55
C LEU B 13 -12.05 3.16 6.51
N SER B 14 -11.68 3.67 7.69
CA SER B 14 -10.72 4.78 7.75
C SER B 14 -9.33 4.32 7.27
N LEU B 15 -8.90 3.13 7.68
CA LEU B 15 -7.59 2.60 7.28
C LEU B 15 -7.55 2.36 5.79
N GLN B 16 -8.66 1.85 5.24
CA GLN B 16 -8.77 1.60 3.81
C GLN B 16 -8.67 2.90 3.02
N ALA B 17 -9.36 3.94 3.48
CA ALA B 17 -9.28 5.22 2.76
C ALA B 17 -7.89 5.85 2.91
N LEU B 18 -7.22 5.63 4.04
CA LEU B 18 -5.91 6.18 4.27
C LEU B 18 -4.89 5.47 3.35
N PHE B 19 -4.86 4.15 3.42
CA PHE B 19 -3.99 3.31 2.60
C PHE B 19 -4.11 3.55 1.09
N GLN B 20 -5.31 3.83 0.59
CA GLN B 20 -5.47 3.99 -0.86
C GLN B 20 -4.98 5.35 -1.36
N LYS B 21 -4.80 6.29 -0.44
CA LYS B 21 -4.10 7.56 -0.71
C LYS B 21 -2.58 7.46 -0.48
N ILE B 22 -2.16 6.77 0.59
CA ILE B 22 -0.75 6.67 0.96
C ILE B 22 0.02 5.71 0.06
N GLN B 23 -0.54 4.54 -0.28
CA GLN B 23 0.14 3.65 -1.24
C GLN B 23 0.53 4.33 -2.56
N PRO B 24 -0.40 4.92 -3.30
CA PRO B 24 -0.01 5.56 -4.54
C PRO B 24 0.99 6.69 -4.32
N GLU B 25 0.89 7.45 -3.24
CA GLU B 25 1.85 8.54 -3.01
C GLU B 25 3.29 8.05 -2.77
N LEU B 27 4.55 5.15 -3.87
CA LEU B 27 4.96 4.55 -5.14
C LEU B 27 5.47 5.63 -6.07
N GLU B 28 4.68 6.70 -6.15
CA GLU B 28 4.94 7.86 -7.01
C GLU B 28 6.28 8.48 -6.65
N SER B 29 6.47 8.74 -5.35
CA SER B 29 7.72 9.28 -4.84
C SER B 29 8.94 8.43 -5.27
N GLU B 31 9.00 6.16 -7.97
CA GLU B 31 9.04 6.14 -9.43
C GLU B 31 9.75 7.40 -9.94
N LYS B 32 9.51 8.52 -9.26
CA LYS B 32 10.16 9.80 -9.53
C LYS B 32 11.65 9.71 -9.23
N GLN B 33 12.01 8.98 -8.18
CA GLN B 33 13.41 8.75 -7.82
C GLN B 33 14.13 7.76 -8.76
N GLY B 34 13.37 7.04 -9.58
CA GLY B 34 13.92 6.13 -10.58
C GLY B 34 14.33 4.79 -9.99
N VAL B 35 13.62 4.35 -8.96
CA VAL B 35 13.96 3.17 -8.18
C VAL B 35 12.67 2.40 -7.88
N THR B 36 12.65 1.12 -8.22
CA THR B 36 11.51 0.25 -7.92
C THR B 36 11.67 -0.23 -6.49
N PRO B 37 10.58 -0.74 -5.90
CA PRO B 37 10.65 -1.32 -4.56
C PRO B 37 11.63 -2.49 -4.42
N ALA B 38 11.79 -3.31 -5.45
CA ALA B 38 12.76 -4.41 -5.40
C ALA B 38 14.18 -3.83 -5.38
N GLN B 39 14.43 -2.84 -6.21
CA GLN B 39 15.74 -2.18 -6.25
C GLN B 39 16.11 -1.46 -4.94
N LEU B 40 15.14 -0.87 -4.27
CA LEU B 40 15.37 -0.17 -3.04
C LEU B 40 15.89 -1.13 -2.02
N PHE B 41 15.36 -2.34 -2.04
CA PHE B 41 15.75 -3.34 -1.06
C PHE B 41 17.21 -3.75 -1.30
N VAL B 42 17.67 -3.75 -2.54
CA VAL B 42 19.07 -4.01 -2.85
C VAL B 42 19.91 -2.91 -2.27
N LEU B 43 19.51 -1.66 -2.50
CA LEU B 43 20.23 -0.51 -1.96
C LEU B 43 20.25 -0.54 -0.45
N ALA B 44 19.10 -0.81 0.18
CA ALA B 44 19.04 -0.93 1.65
C ALA B 44 19.98 -2.00 2.21
N SER B 45 20.06 -3.15 1.55
CA SER B 45 20.93 -4.21 2.09
C SER B 45 22.38 -3.84 1.98
N LEU B 46 22.75 -3.15 0.91
CA LEU B 46 24.15 -2.77 0.72
C LEU B 46 24.54 -1.66 1.71
N LYS B 47 23.63 -0.73 1.94
CA LYS B 47 23.83 0.34 2.92
C LYS B 47 24.12 -0.24 4.29
N LYS B 48 23.34 -1.23 4.68
CA LYS B 48 23.42 -1.86 6.00
C LYS B 48 24.67 -2.74 6.11
N HIS B 49 24.97 -3.54 5.08
CA HIS B 49 26.11 -4.50 5.15
C HIS B 49 27.41 -4.18 4.34
N GLY B 50 27.47 -3.06 3.61
CA GLY B 50 28.64 -2.74 2.80
C GLY B 50 28.80 -3.35 1.40
N SER B 51 29.16 -4.62 1.36
CA SER B 51 29.25 -5.36 0.12
C SER B 51 28.63 -6.72 0.37
N LEU B 52 27.81 -7.16 -0.57
CA LEU B 52 27.24 -8.50 -0.56
C LEU B 52 27.28 -9.10 -1.95
N LYS B 53 27.40 -10.42 -1.96
CA LYS B 53 27.20 -11.24 -3.15
C LYS B 53 25.71 -11.27 -3.53
N VAL B 54 25.44 -11.54 -4.81
CA VAL B 54 24.07 -11.64 -5.32
C VAL B 54 23.29 -12.66 -4.51
N SER B 55 23.92 -13.78 -4.21
CA SER B 55 23.26 -14.87 -3.49
C SER B 55 22.82 -14.45 -2.09
N GLU B 56 23.64 -13.66 -1.40
CA GLU B 56 23.33 -13.19 -0.06
C GLU B 56 22.17 -12.21 -0.08
N ILE B 57 22.10 -11.36 -1.09
CA ILE B 57 21.04 -10.39 -1.22
C ILE B 57 19.76 -11.12 -1.58
N ALA B 58 19.90 -12.09 -2.46
CA ALA B 58 18.76 -12.89 -2.88
C ALA B 58 18.11 -13.57 -1.68
N GLU B 59 18.94 -14.14 -0.81
CA GLU B 59 18.46 -14.82 0.40
C GLU B 59 17.71 -13.92 1.37
N ARG B 60 18.23 -12.73 1.59
CA ARG B 60 17.57 -11.74 2.45
C ARG B 60 16.24 -11.31 1.88
N GLU B 62 14.39 -13.10 -0.18
CA GLU B 62 13.61 -14.28 -0.56
C GLU B 62 13.13 -14.24 -2.02
N VAL B 63 14.07 -13.97 -2.92
CA VAL B 63 13.88 -14.11 -4.34
C VAL B 63 15.07 -14.85 -4.91
N LYS B 64 14.90 -15.28 -6.13
CA LYS B 64 15.89 -16.10 -6.80
C LYS B 64 17.08 -15.23 -7.15
N PRO B 65 18.27 -15.83 -7.09
CA PRO B 65 19.48 -15.13 -7.47
C PRO B 65 19.36 -14.50 -8.86
N SER B 66 18.79 -15.23 -9.80
CA SER B 66 18.58 -14.73 -11.15
C SER B 66 17.85 -13.38 -11.20
N ALA B 67 16.90 -13.18 -10.29
CA ALA B 67 16.19 -11.91 -10.17
C ALA B 67 17.06 -10.78 -9.70
N VAL B 68 17.87 -11.06 -8.67
CA VAL B 68 18.77 -10.07 -8.11
C VAL B 68 19.82 -9.69 -9.14
N THR B 69 20.20 -10.63 -10.00
CA THR B 69 21.18 -10.38 -11.04
C THR B 69 20.68 -9.36 -12.06
N LEU B 70 19.41 -9.46 -12.40
CA LEU B 70 18.80 -8.46 -13.28
C LEU B 70 18.70 -7.13 -12.57
N ALA B 72 20.67 -5.98 -10.31
CA ALA B 72 22.01 -5.43 -10.19
C ALA B 72 22.49 -4.87 -11.49
N ASP B 73 22.08 -5.47 -12.59
CA ASP B 73 22.52 -5.02 -13.90
C ASP B 73 21.97 -3.61 -14.14
N ARG B 74 20.68 -3.43 -13.87
CA ARG B 74 20.05 -2.12 -14.05
C ARG B 74 20.56 -1.10 -13.03
N LEU B 75 20.79 -1.52 -11.79
CA LEU B 75 21.31 -0.57 -10.82
C LEU B 75 22.72 -0.14 -11.21
N GLU B 76 23.48 -1.04 -11.80
CA GLU B 76 24.81 -0.71 -12.25
C GLU B 76 24.75 0.29 -13.40
N GLN B 77 23.82 0.06 -14.31
CA GLN B 77 23.61 0.95 -15.45
C GLN B 77 23.30 2.39 -14.95
N LYS B 78 22.50 2.50 -13.90
CA LYS B 78 22.19 3.79 -13.26
C LYS B 78 23.33 4.36 -12.42
N ASN B 79 24.37 3.57 -12.23
CA ASN B 79 25.53 3.96 -11.48
C ASN B 79 25.22 4.10 -9.99
N LEU B 80 24.26 3.29 -9.53
CA LEU B 80 23.89 3.31 -8.12
C LEU B 80 24.62 2.22 -7.31
N ILE B 81 25.12 1.20 -7.99
CA ILE B 81 25.96 0.18 -7.37
C ILE B 81 27.15 -0.15 -8.23
N ALA B 82 28.14 -0.82 -7.64
CA ALA B 82 29.27 -1.34 -8.36
C ALA B 82 29.29 -2.85 -8.27
N ARG B 83 29.75 -3.48 -9.34
CA ARG B 83 29.98 -4.90 -9.42
C ARG B 83 31.48 -5.13 -9.51
N THR B 84 32.03 -5.93 -8.61
CA THR B 84 33.47 -6.19 -8.54
C THR B 84 33.70 -7.67 -8.34
N HIS B 85 34.94 -8.08 -8.59
CA HIS B 85 35.32 -9.48 -8.43
C HIS B 85 35.52 -9.80 -6.95
N ASN B 86 34.92 -10.89 -6.49
CA ASN B 86 35.10 -11.40 -5.13
C ASN B 86 36.54 -11.90 -4.94
N THR B 87 37.09 -11.74 -3.73
CA THR B 87 38.50 -12.09 -3.46
C THR B 87 38.73 -13.59 -3.43
N LYS B 88 37.75 -14.33 -2.90
CA LYS B 88 37.88 -15.76 -2.72
C LYS B 88 37.81 -16.45 -4.08
N ASP B 89 36.80 -16.08 -4.85
CA ASP B 89 36.66 -16.56 -6.21
C ASP B 89 36.28 -15.40 -7.10
N ARG B 90 37.23 -15.03 -7.96
CA ARG B 90 37.12 -13.85 -8.82
C ARG B 90 36.00 -13.94 -9.82
N ARG B 91 35.53 -15.14 -10.14
CA ARG B 91 34.37 -15.27 -11.02
C ARG B 91 33.03 -14.95 -10.33
N VAL B 92 33.03 -14.83 -9.01
CA VAL B 92 31.84 -14.45 -8.24
C VAL B 92 31.84 -12.91 -8.10
N ILE B 93 30.67 -12.30 -8.11
CA ILE B 93 30.50 -10.85 -8.13
C ILE B 93 30.10 -10.38 -6.73
N ASP B 94 30.78 -9.36 -6.22
CA ASP B 94 30.32 -8.55 -5.10
C ASP B 94 29.58 -7.28 -5.56
N LEU B 95 28.53 -6.92 -4.84
CA LEU B 95 27.79 -5.69 -5.04
C LEU B 95 28.12 -4.73 -3.90
N SER B 96 28.31 -3.46 -4.23
CA SER B 96 28.39 -2.42 -3.20
C SER B 96 27.84 -1.13 -3.70
N LEU B 97 27.52 -0.24 -2.78
CA LEU B 97 27.00 1.06 -3.17
C LEU B 97 28.07 1.96 -3.81
N THR B 98 27.63 2.79 -4.72
CA THR B 98 28.40 3.97 -5.15
C THR B 98 27.91 5.10 -4.24
N ASP B 99 28.60 6.22 -4.25
CA ASP B 99 28.16 7.38 -3.47
C ASP B 99 26.84 7.84 -4.04
N GLU B 100 26.61 7.73 -5.35
CA GLU B 100 25.36 8.12 -5.98
C GLU B 100 24.20 7.23 -5.48
N GLY B 101 24.48 5.93 -5.29
CA GLY B 101 23.49 5.00 -4.78
C GLY B 101 23.12 5.24 -3.31
N ASP B 102 24.12 5.61 -2.54
CA ASP B 102 23.94 5.98 -1.15
C ASP B 102 23.05 7.23 -1.03
N ILE B 103 23.32 8.21 -1.89
CA ILE B 103 22.54 9.42 -1.94
C ILE B 103 21.12 9.10 -2.38
N LYS B 104 20.98 8.30 -3.44
CA LYS B 104 19.67 7.91 -3.92
C LYS B 104 18.85 7.27 -2.80
N PHE B 105 19.46 6.32 -2.12
CA PHE B 105 18.81 5.60 -1.04
C PHE B 105 18.33 6.57 0.06
N GLU B 106 19.15 7.51 0.48
CA GLU B 106 18.74 8.42 1.53
C GLU B 106 17.61 9.33 1.05
N GLU B 107 17.67 9.73 -0.21
CA GLU B 107 16.61 10.54 -0.82
C GLU B 107 15.28 9.81 -0.81
N VAL B 108 15.28 8.49 -1.06
CA VAL B 108 14.05 7.72 -1.09
C VAL B 108 13.50 7.63 0.35
N LEU B 109 14.38 7.37 1.32
CA LEU B 109 13.98 7.28 2.72
C LEU B 109 13.42 8.60 3.23
N ALA B 110 13.98 9.72 2.78
CA ALA B 110 13.54 11.03 3.21
C ALA B 110 12.20 11.34 2.55
N GLY B 111 11.98 10.83 1.35
CA GLY B 111 10.72 11.08 0.66
C GLY B 111 9.57 10.37 1.37
N ARG B 112 9.85 9.18 1.89
CA ARG B 112 8.87 8.37 2.60
C ARG B 112 8.57 8.95 3.97
N LYS B 113 9.62 9.40 4.66
CA LYS B 113 9.47 9.97 5.97
C LYS B 113 8.65 11.27 5.90
N ALA B 114 8.86 12.07 4.86
CA ALA B 114 8.12 13.31 4.70
C ALA B 114 6.63 13.04 4.44
N ILE B 115 6.31 11.97 3.71
CA ILE B 115 4.92 11.62 3.43
C ILE B 115 4.24 11.23 4.73
N ALA B 117 5.40 12.16 7.89
CA ALA B 117 5.39 13.34 8.78
C ALA B 117 4.18 14.23 8.48
N ARG B 118 3.73 14.25 7.23
CA ARG B 118 2.57 15.03 6.84
C ARG B 118 1.24 14.45 7.31
N TYR B 119 1.03 13.14 7.14
CA TYR B 119 -0.20 12.52 7.62
C TYR B 119 -0.32 12.63 9.13
N LEU B 120 0.80 12.65 9.83
CA LEU B 120 0.82 12.69 11.28
C LEU B 120 0.78 14.11 11.85
N SER B 121 1.21 15.11 11.06
CA SER B 121 1.13 16.50 11.46
C SER B 121 -0.31 16.94 11.70
N PHE B 122 -1.27 16.18 11.19
CA PHE B 122 -2.67 16.43 11.45
C PHE B 122 -3.10 16.06 12.88
N LEU B 123 -2.23 15.39 13.63
CA LEU B 123 -2.55 14.92 14.95
C LEU B 123 -1.88 15.82 15.96
N THR B 124 -2.47 15.93 17.14
CA THR B 124 -1.79 16.51 18.29
C THR B 124 -0.72 15.56 18.81
N GLU B 125 0.13 16.08 19.66
CA GLU B 125 1.18 15.28 20.24
C GLU B 125 0.59 14.14 21.08
N GLU B 126 -0.45 14.44 21.85
CA GLU B 126 -1.19 13.45 22.60
C GLU B 126 -1.66 12.30 21.66
N GLU B 127 -2.25 12.64 20.54
CA GLU B 127 -2.73 11.64 19.59
C GLU B 127 -1.61 10.86 18.93
N LEU B 129 1.18 10.18 20.34
CA LEU B 129 1.70 9.23 21.35
C LEU B 129 0.78 8.04 21.51
N GLN B 130 -0.52 8.27 21.34
CA GLN B 130 -1.52 7.21 21.39
C GLN B 130 -1.35 6.31 20.16
N ALA B 131 -1.09 6.94 19.01
CA ALA B 131 -0.93 6.20 17.76
C ALA B 131 0.36 5.35 17.79
N ALA B 132 1.40 5.85 18.42
CA ALA B 132 2.65 5.11 18.55
C ALA B 132 2.45 3.90 19.45
N HIS B 133 1.86 4.11 20.62
CA HIS B 133 1.56 3.01 21.54
C HIS B 133 0.62 1.95 20.91
N ILE B 134 -0.44 2.38 20.26
CA ILE B 134 -1.38 1.45 19.63
C ILE B 134 -0.71 0.64 18.52
N THR B 135 0.01 1.29 17.61
CA THR B 135 0.66 0.57 16.51
C THR B 135 1.73 -0.38 17.01
N ALA B 136 2.54 0.05 17.97
CA ALA B 136 3.57 -0.82 18.57
C ALA B 136 2.95 -2.11 19.15
N LYS B 137 1.85 -2.00 19.86
CA LYS B 137 1.23 -3.16 20.49
C LYS B 137 0.53 -4.09 19.44
N LEU B 138 -0.13 -3.52 18.46
CA LEU B 138 -0.70 -4.32 17.38
C LEU B 138 0.40 -5.11 16.61
N ALA B 139 1.54 -4.46 16.38
CA ALA B 139 2.70 -5.10 15.74
C ALA B 139 3.29 -6.28 16.56
N GLN B 140 3.41 -6.12 17.87
CA GLN B 140 3.94 -7.16 18.78
C GLN B 140 2.93 -8.29 19.10
N ALA B 141 1.64 -8.08 18.83
CA ALA B 141 0.60 -9.04 19.20
C ALA B 141 0.56 -10.21 18.23
N ALA B 142 0.45 -9.89 16.95
CA ALA B 142 0.40 -10.90 15.93
C ALA B 142 1.60 -10.77 15.01
#